data_4JJA
#
_entry.id   4JJA
#
_cell.length_a   56.655
_cell.length_b   47.702
_cell.length_c   59.732
_cell.angle_alpha   90.000
_cell.angle_beta   98.570
_cell.angle_gamma   90.000
#
_symmetry.space_group_name_H-M   'P 1 21 1'
#
loop_
_entity.id
_entity.type
_entity.pdbx_description
1 polymer 'hypothetical protein'
2 non-polymer GLYCEROL
3 non-polymer 'CHLORIDE ION'
4 water water
#
_entity_poly.entity_id   1
_entity_poly.type   'polypeptide(L)'
_entity_poly.pdbx_seq_one_letter_code
;GQKSDVIIGAEQTKAYFPILKNKRIAIFSNHTG(MSE)VGNKHLLDILLENNFNVVAIFSPEHGFRGNADAGEHVSSTID
SKTGVPILSLYNGKSKKPSEAS(MSE)KKFDILIVDIQDVGLRFYTYYIS(MSE)VRL(MSE)DACAEYDRKILILDRPN
PNGHYVDGPILD(MSE)KYKSGVGGLPIPIVHG(MSE)TLGELAL(MSE)VNGERWLPSSRICDVTVIPCKNYTHQT
(MSE)YRLPIPPSPNLPN(MSE)KAIYLYPSICLFEGTPVSLGRGTTLPFQVYGHPN(MSE)TGYNYNFTPRSIPGAKNP
PQLNKLCHGVNLSNLSDEEIWKKGINLDYLIDAYHNLN(MSE)GDRFFRPFFELLVGTDYVRK(MSE)IEGGKSADEIKA
RWKRDVERFKIQRKPYLLYQDN
;
_entity_poly.pdbx_strand_id   A
#
loop_
_chem_comp.id
_chem_comp.type
_chem_comp.name
_chem_comp.formula
CL non-polymer 'CHLORIDE ION' 'Cl -1'
GOL non-polymer GLYCEROL 'C3 H8 O3'
#
# COMPACT_ATOMS: atom_id res chain seq x y z
N SER A 4 15.85 -11.26 17.28
CA SER A 4 16.32 -9.87 17.07
C SER A 4 15.58 -9.26 15.88
N ASP A 5 16.06 -8.10 15.46
CA ASP A 5 15.33 -7.17 14.62
C ASP A 5 15.27 -7.61 13.18
N VAL A 6 14.22 -7.15 12.52
CA VAL A 6 14.06 -7.47 11.10
C VAL A 6 15.26 -7.00 10.33
N ILE A 7 15.74 -7.85 9.42
CA ILE A 7 16.78 -7.45 8.47
C ILE A 7 16.10 -7.46 7.10
N ILE A 8 15.92 -6.30 6.53
CA ILE A 8 15.23 -6.21 5.24
C ILE A 8 16.13 -6.76 4.13
N GLY A 9 15.52 -7.08 2.99
CA GLY A 9 16.24 -7.61 1.86
C GLY A 9 17.43 -6.71 1.47
N ALA A 10 17.19 -5.40 1.39
CA ALA A 10 18.22 -4.48 0.87
C ALA A 10 19.47 -4.44 1.74
N GLU A 11 19.37 -4.80 3.01
CA GLU A 11 20.54 -4.84 3.91
CA GLU A 11 20.56 -4.80 3.88
C GLU A 11 21.45 -6.01 3.62
N GLN A 12 20.93 -7.04 2.99
CA GLN A 12 21.62 -8.32 2.79
C GLN A 12 22.46 -8.30 1.49
N THR A 13 23.40 -7.35 1.45
CA THR A 13 24.13 -7.12 0.22
C THR A 13 24.88 -8.35 -0.25
N LYS A 14 25.36 -9.20 0.65
CA LYS A 14 26.06 -10.40 0.17
CA LYS A 14 26.02 -10.47 0.24
C LYS A 14 25.11 -11.38 -0.55
N ALA A 15 23.82 -11.27 -0.30
CA ALA A 15 22.84 -12.07 -1.00
C ALA A 15 22.53 -11.65 -2.41
N TYR A 16 22.62 -10.37 -2.71
CA TYR A 16 22.23 -9.91 -4.03
C TYR A 16 23.26 -9.13 -4.82
N PHE A 17 24.34 -8.65 -4.22
CA PHE A 17 25.39 -7.98 -5.02
C PHE A 17 25.87 -8.88 -6.16
N PRO A 18 26.04 -10.18 -5.95
CA PRO A 18 26.46 -11.03 -7.11
C PRO A 18 25.43 -11.13 -8.21
N ILE A 19 24.16 -11.02 -7.89
CA ILE A 19 23.11 -11.05 -8.91
C ILE A 19 23.26 -9.83 -9.82
N LEU A 20 23.65 -8.70 -9.26
CA LEU A 20 23.67 -7.45 -9.98
C LEU A 20 24.98 -7.22 -10.73
N LYS A 21 26.02 -7.95 -10.39
CA LYS A 21 27.31 -7.76 -11.03
C LYS A 21 27.20 -7.85 -12.55
N ASN A 22 27.76 -6.84 -13.17
CA ASN A 22 27.85 -6.69 -14.63
C ASN A 22 26.54 -6.48 -15.32
N LYS A 23 25.48 -6.20 -14.58
CA LYS A 23 24.18 -6.00 -15.19
CA LYS A 23 24.15 -6.00 -15.14
C LYS A 23 23.87 -4.51 -15.24
N ARG A 24 23.06 -4.14 -16.23
CA ARG A 24 22.50 -2.81 -16.28
C ARG A 24 21.22 -2.84 -15.44
N ILE A 25 21.11 -1.90 -14.50
CA ILE A 25 20.12 -2.02 -13.40
C ILE A 25 19.14 -0.85 -13.45
N ALA A 26 17.86 -1.16 -13.38
CA ALA A 26 16.83 -0.17 -13.08
C ALA A 26 16.27 -0.46 -11.70
N ILE A 27 15.77 0.58 -11.04
CA ILE A 27 15.19 0.46 -9.70
C ILE A 27 13.78 1.05 -9.70
N PHE A 28 12.83 0.33 -9.06
CA PHE A 28 11.51 0.84 -8.74
C PHE A 28 11.49 1.09 -7.26
N SER A 29 11.38 2.35 -6.89
CA SER A 29 11.46 2.76 -5.50
C SER A 29 10.95 4.18 -5.33
N ASN A 30 11.07 4.65 -4.09
CA ASN A 30 10.76 6.03 -3.73
C ASN A 30 11.62 6.38 -2.53
N HIS A 31 11.22 7.41 -1.78
CA HIS A 31 12.00 7.86 -0.67
C HIS A 31 12.12 6.85 0.47
N THR A 32 11.28 5.82 0.47
CA THR A 32 11.36 4.80 1.52
C THR A 32 12.45 3.75 1.26
N GLY A 33 13.03 3.75 0.04
CA GLY A 33 13.98 2.70 -0.35
C GLY A 33 15.37 2.98 0.12
N MSE A 34 15.50 3.19 1.40
CA MSE A 34 16.75 3.64 1.99
CA MSE A 34 16.75 3.64 1.95
CA MSE A 34 16.70 3.67 2.04
C MSE A 34 17.29 2.60 2.95
O MSE A 34 16.55 1.74 3.50
CB MSE A 34 16.54 5.01 2.70
CB MSE A 34 16.57 5.07 2.50
CB MSE A 34 16.35 4.89 2.89
CG MSE A 34 15.81 6.04 1.86
CG MSE A 34 16.07 6.09 1.44
CG MSE A 34 16.15 6.12 2.08
SE MSE A 34 15.91 7.81 2.67
SE MSE A 34 15.80 7.88 2.12
SE MSE A 34 17.51 7.34 2.60
CE MSE A 34 16.54 7.36 4.38
CE MSE A 34 17.66 8.27 2.43
CE MSE A 34 16.72 7.85 4.31
N VAL A 35 18.60 2.59 3.08
CA VAL A 35 19.27 1.87 4.09
C VAL A 35 20.17 3.03 4.70
N GLY A 36 19.95 3.35 5.97
CA GLY A 36 20.49 4.56 6.54
C GLY A 36 20.11 5.80 5.72
N ASN A 37 21.03 6.77 5.52
CA ASN A 37 20.64 8.01 4.81
C ASN A 37 20.99 8.01 3.34
N LYS A 38 21.13 6.78 2.79
CA LYS A 38 21.39 6.57 1.37
C LYS A 38 20.22 5.83 0.75
N HIS A 39 19.80 6.26 -0.44
CA HIS A 39 18.89 5.47 -1.20
C HIS A 39 19.65 4.21 -1.71
N LEU A 40 18.95 3.10 -1.88
CA LEU A 40 19.55 1.92 -2.55
C LEU A 40 20.32 2.38 -3.78
N LEU A 41 19.78 3.35 -4.51
CA LEU A 41 20.43 3.89 -5.70
C LEU A 41 21.88 4.34 -5.37
N ASP A 42 22.04 5.04 -4.26
CA ASP A 42 23.37 5.56 -3.85
C ASP A 42 24.29 4.43 -3.44
N ILE A 43 23.78 3.45 -2.72
CA ILE A 43 24.57 2.33 -2.27
C ILE A 43 25.10 1.55 -3.49
N LEU A 44 24.23 1.33 -4.47
CA LEU A 44 24.62 0.59 -5.63
C LEU A 44 25.66 1.35 -6.45
N LEU A 45 25.45 2.64 -6.65
CA LEU A 45 26.46 3.42 -7.40
C LEU A 45 27.80 3.49 -6.68
N GLU A 46 27.77 3.60 -5.37
CA GLU A 46 29.02 3.64 -4.56
CA GLU A 46 29.01 3.64 -4.59
C GLU A 46 29.79 2.32 -4.61
N ASN A 47 29.10 1.21 -4.88
CA ASN A 47 29.66 -0.11 -5.06
C ASN A 47 29.91 -0.45 -6.54
N ASN A 48 29.88 0.58 -7.40
CA ASN A 48 30.26 0.50 -8.82
CA ASN A 48 30.30 0.44 -8.79
C ASN A 48 29.31 -0.31 -9.66
N PHE A 49 28.05 -0.42 -9.21
CA PHE A 49 27.02 -1.00 -10.05
C PHE A 49 26.48 0.05 -11.04
N ASN A 50 26.07 -0.47 -12.17
CA ASN A 50 25.59 0.36 -13.28
C ASN A 50 24.08 0.56 -13.20
N VAL A 51 23.66 1.56 -12.44
CA VAL A 51 22.24 1.89 -12.37
C VAL A 51 21.92 2.89 -13.48
N VAL A 52 20.99 2.51 -14.35
CA VAL A 52 20.71 3.26 -15.56
C VAL A 52 19.39 3.97 -15.53
N ALA A 53 18.49 3.61 -14.59
CA ALA A 53 17.20 4.24 -14.53
C ALA A 53 16.51 3.97 -13.21
N ILE A 54 15.72 4.93 -12.79
CA ILE A 54 14.82 4.72 -11.69
C ILE A 54 13.36 5.02 -12.04
N PHE A 55 12.47 4.09 -11.70
CA PHE A 55 11.03 4.24 -11.86
C PHE A 55 10.44 4.59 -10.50
N SER A 56 9.61 5.62 -10.45
CA SER A 56 9.02 6.00 -9.19
C SER A 56 7.51 6.07 -9.33
N PRO A 57 6.77 5.66 -8.29
CA PRO A 57 5.32 5.95 -8.32
C PRO A 57 5.00 7.45 -7.96
N GLU A 58 5.98 8.22 -7.47
CA GLU A 58 5.86 9.69 -7.30
C GLU A 58 6.71 10.38 -8.36
N HIS A 59 7.41 11.48 -8.05
CA HIS A 59 8.27 12.11 -9.08
C HIS A 59 9.53 11.30 -9.23
N GLY A 60 10.25 11.27 -8.13
N GLY A 60 10.30 11.19 -8.15
CA GLY A 60 11.50 10.61 -8.00
CA GLY A 60 11.54 10.43 -8.17
C GLY A 60 11.68 10.46 -6.51
C GLY A 60 11.81 9.76 -6.85
N PHE A 61 12.73 9.77 -6.20
N PHE A 61 13.07 9.77 -6.44
CA PHE A 61 12.89 9.02 -4.96
CA PHE A 61 13.53 9.01 -5.28
C PHE A 61 13.58 9.87 -3.89
C PHE A 61 13.74 9.85 -4.03
N ARG A 62 13.69 11.18 -4.14
CA ARG A 62 14.41 12.08 -3.25
CA ARG A 62 14.33 11.97 -3.08
C ARG A 62 13.45 12.88 -2.41
C ARG A 62 13.39 12.88 -2.39
N GLY A 63 12.16 12.53 -2.51
N GLY A 63 12.12 12.50 -2.47
CA GLY A 63 11.09 13.09 -1.68
C GLY A 63 10.81 14.53 -1.96
N ASN A 64 11.18 15.02 -3.16
CA ASN A 64 11.26 16.45 -3.41
C ASN A 64 12.27 16.99 -2.41
N THR A 74 13.38 14.92 -14.67
N THR A 74 13.04 15.24 -12.91
CA THR A 74 13.49 13.58 -15.26
CA THR A 74 13.38 14.10 -13.75
C THR A 74 14.90 12.99 -15.20
C THR A 74 14.86 13.67 -13.65
N ILE A 75 15.78 13.64 -14.43
N ILE A 75 15.54 14.01 -12.56
CA ILE A 75 17.13 13.14 -14.14
CA ILE A 75 16.96 13.63 -12.44
C ILE A 75 17.44 13.42 -12.67
C ILE A 75 17.57 13.82 -11.04
N ASP A 76 18.00 12.44 -11.97
N ASP A 76 17.51 12.77 -10.23
CA ASP A 76 18.44 12.62 -10.60
CA ASP A 76 18.01 12.81 -8.86
C ASP A 76 19.69 13.51 -10.57
C ASP A 76 19.31 13.62 -8.86
N SER A 77 19.64 14.58 -9.78
N SER A 77 19.17 14.93 -9.00
CA SER A 77 20.71 15.60 -9.76
CA SER A 77 20.32 15.83 -9.13
C SER A 77 21.92 15.21 -8.89
C SER A 77 21.65 15.15 -8.82
N LYS A 78 21.72 14.35 -7.89
N LYS A 78 21.64 14.37 -7.76
CA LYS A 78 22.85 13.83 -7.12
C LYS A 78 23.65 12.82 -7.94
N THR A 79 23.01 12.07 -8.86
CA THR A 79 23.67 10.96 -9.55
C THR A 79 23.63 11.00 -11.08
N GLY A 80 22.76 11.82 -11.66
CA GLY A 80 22.53 11.80 -13.10
C GLY A 80 21.74 10.65 -13.71
N VAL A 81 21.19 9.76 -12.87
CA VAL A 81 20.38 8.66 -13.37
C VAL A 81 18.99 9.18 -13.83
N PRO A 82 18.51 8.80 -15.03
CA PRO A 82 17.15 9.24 -15.40
C PRO A 82 16.04 8.73 -14.43
N ILE A 83 15.04 9.58 -14.19
CA ILE A 83 13.93 9.31 -13.28
C ILE A 83 12.63 9.25 -14.03
N LEU A 84 11.92 8.12 -13.91
CA LEU A 84 10.73 7.86 -14.74
C LEU A 84 9.46 7.67 -13.86
N SER A 85 8.52 8.60 -13.94
CA SER A 85 7.25 8.48 -13.20
C SER A 85 6.35 7.42 -13.80
N LEU A 86 5.56 6.75 -12.96
CA LEU A 86 4.61 5.69 -13.40
C LEU A 86 3.13 6.06 -13.18
N LYS A 93 2.75 1.85 -17.56
CA LYS A 93 3.91 1.10 -18.07
C LYS A 93 5.10 1.97 -18.52
N PRO A 94 6.27 1.32 -18.68
CA PRO A 94 7.44 1.90 -19.31
C PRO A 94 7.44 1.79 -20.85
N SER A 95 8.14 2.73 -21.50
CA SER A 95 8.32 2.66 -22.95
C SER A 95 9.25 1.53 -23.36
N GLU A 96 9.15 1.10 -24.61
CA GLU A 96 10.06 0.11 -25.20
C GLU A 96 11.51 0.59 -25.08
N ALA A 97 11.74 1.89 -25.35
CA ALA A 97 13.07 2.45 -25.26
C ALA A 97 13.66 2.22 -23.87
N SER A 98 12.83 2.46 -22.83
CA SER A 98 13.31 2.34 -21.46
C SER A 98 13.58 0.88 -21.13
N MSE A 99 12.73 -0.02 -21.57
CA MSE A 99 12.91 -1.44 -21.29
C MSE A 99 14.20 -1.99 -21.88
O MSE A 99 14.84 -2.85 -21.30
CB MSE A 99 11.74 -2.25 -21.83
CG MSE A 99 10.39 -1.88 -21.20
SE MSE A 99 10.34 -2.09 -19.30
CE MSE A 99 10.80 -3.99 -19.21
N LYS A 100 14.61 -1.47 -23.02
CA LYS A 100 15.85 -1.90 -23.66
C LYS A 100 17.12 -1.48 -22.93
N LYS A 101 17.01 -0.53 -22.03
CA LYS A 101 18.16 0.07 -21.39
C LYS A 101 18.71 -0.77 -20.24
N PHE A 102 17.94 -1.70 -19.72
CA PHE A 102 18.37 -2.45 -18.53
C PHE A 102 18.17 -3.94 -18.67
N ASP A 103 18.90 -4.68 -17.83
CA ASP A 103 18.84 -6.13 -17.76
C ASP A 103 17.98 -6.63 -16.58
N ILE A 104 17.99 -5.88 -15.49
CA ILE A 104 17.35 -6.32 -14.25
C ILE A 104 16.70 -5.11 -13.61
N LEU A 105 15.46 -5.28 -13.14
CA LEU A 105 14.75 -4.27 -12.39
C LEU A 105 14.69 -4.70 -10.93
N ILE A 106 15.11 -3.80 -10.03
CA ILE A 106 15.03 -4.03 -8.57
C ILE A 106 13.80 -3.31 -8.04
N VAL A 107 12.96 -4.04 -7.30
CA VAL A 107 11.90 -3.45 -6.50
C VAL A 107 12.38 -3.32 -5.04
N ASP A 108 12.33 -2.10 -4.53
CA ASP A 108 12.68 -1.86 -3.12
C ASP A 108 11.86 -0.69 -2.62
N ILE A 109 10.74 -0.99 -1.97
CA ILE A 109 9.80 0.06 -1.65
C ILE A 109 8.97 -0.38 -0.49
N GLN A 110 8.62 0.56 0.39
CA GLN A 110 7.85 0.24 1.60
C GLN A 110 6.35 0.44 1.36
N ASP A 111 5.59 -0.67 1.49
CA ASP A 111 4.16 -0.74 1.30
C ASP A 111 3.45 -0.71 2.68
N VAL A 112 2.11 -0.60 2.68
CA VAL A 112 1.32 -0.65 3.92
C VAL A 112 0.29 -1.77 4.00
N GLY A 113 0.20 -2.57 2.94
CA GLY A 113 -0.65 -3.78 2.98
C GLY A 113 -2.11 -3.69 2.71
N LEU A 114 -2.52 -2.70 1.91
CA LEU A 114 -3.90 -2.49 1.59
C LEU A 114 -4.13 -2.58 0.10
N ARG A 115 -5.26 -3.16 -0.26
CA ARG A 115 -5.64 -3.26 -1.69
C ARG A 115 -5.77 -1.91 -2.38
N PHE A 116 -6.14 -0.88 -1.65
CA PHE A 116 -6.33 0.44 -2.19
C PHE A 116 -5.14 1.36 -2.01
N TYR A 117 -3.98 0.80 -1.58
CA TYR A 117 -2.69 1.50 -1.56
C TYR A 117 -1.92 0.88 -2.72
N THR A 118 -1.58 1.73 -3.70
N THR A 118 -1.68 1.58 -3.79
CA THR A 118 -1.41 1.33 -5.12
CA THR A 118 -1.54 0.82 -5.04
C THR A 118 -0.07 0.94 -5.65
C THR A 118 -0.12 0.78 -5.63
N TYR A 119 0.94 0.90 -4.80
CA TYR A 119 2.28 0.53 -5.30
C TYR A 119 2.30 -0.86 -5.95
N TYR A 120 1.51 -1.82 -5.45
CA TYR A 120 1.53 -3.12 -6.06
C TYR A 120 0.98 -3.09 -7.50
N ILE A 121 0.10 -2.11 -7.79
CA ILE A 121 -0.45 -2.02 -9.16
C ILE A 121 0.65 -1.55 -10.09
N SER A 122 1.48 -0.64 -9.63
CA SER A 122 2.65 -0.24 -10.41
C SER A 122 3.58 -1.46 -10.59
N MSE A 123 3.77 -2.24 -9.54
CA MSE A 123 4.63 -3.40 -9.60
C MSE A 123 4.10 -4.40 -10.61
O MSE A 123 4.86 -4.93 -11.39
CB MSE A 123 4.70 -4.06 -8.22
CG MSE A 123 5.64 -5.28 -8.20
SE MSE A 123 5.83 -6.14 -6.53
CE MSE A 123 4.11 -6.96 -6.49
N VAL A 124 2.79 -4.64 -10.62
CA VAL A 124 2.18 -5.56 -11.59
C VAL A 124 2.40 -5.06 -13.03
N ARG A 125 2.28 -3.75 -13.25
CA ARG A 125 2.57 -3.13 -14.56
CA ARG A 125 2.55 -3.24 -14.60
C ARG A 125 4.02 -3.43 -14.99
N LEU A 126 4.95 -3.27 -14.07
CA LEU A 126 6.33 -3.51 -14.35
C LEU A 126 6.62 -5.00 -14.56
N MSE A 127 5.94 -5.87 -13.83
CA MSE A 127 6.08 -7.30 -14.05
C MSE A 127 5.60 -7.68 -15.45
O MSE A 127 6.21 -8.52 -16.11
CB MSE A 127 5.27 -8.10 -13.02
CG MSE A 127 5.90 -8.07 -11.63
SE MSE A 127 4.77 -8.96 -10.32
CE MSE A 127 4.99 -10.73 -10.97
N ASP A 128 4.48 -7.09 -15.86
CA ASP A 128 3.95 -7.37 -17.20
C ASP A 128 4.98 -6.96 -18.30
N ALA A 129 5.54 -5.78 -18.12
CA ALA A 129 6.53 -5.27 -19.07
C ALA A 129 7.78 -6.13 -19.05
N CYS A 130 8.27 -6.46 -17.86
CA CYS A 130 9.45 -7.30 -17.76
C CYS A 130 9.22 -8.69 -18.36
N ALA A 131 8.02 -9.20 -18.21
CA ALA A 131 7.67 -10.50 -18.76
C ALA A 131 7.74 -10.40 -20.28
N GLU A 132 7.14 -9.34 -20.84
CA GLU A 132 7.05 -9.19 -22.32
C GLU A 132 8.46 -9.04 -22.89
N TYR A 133 9.34 -8.32 -22.20
CA TYR A 133 10.69 -8.01 -22.68
C TYR A 133 11.80 -8.92 -22.15
N ASP A 134 11.42 -9.96 -21.43
N ASP A 134 11.43 -10.00 -21.47
CA ASP A 134 12.36 -10.96 -20.92
CA ASP A 134 12.40 -10.93 -20.88
C ASP A 134 13.39 -10.39 -19.95
C ASP A 134 13.46 -10.19 -20.05
N ARG A 135 12.96 -9.43 -19.09
CA ARG A 135 13.84 -8.88 -18.07
CA ARG A 135 13.80 -8.82 -18.06
C ARG A 135 13.54 -9.51 -16.72
N LYS A 136 14.56 -9.63 -15.89
CA LYS A 136 14.42 -10.20 -14.55
C LYS A 136 14.03 -9.10 -13.57
N ILE A 137 13.21 -9.48 -12.59
CA ILE A 137 12.93 -8.62 -11.43
C ILE A 137 13.54 -9.25 -10.18
N LEU A 138 14.19 -8.38 -9.43
CA LEU A 138 14.74 -8.71 -8.12
C LEU A 138 13.97 -7.88 -7.09
N ILE A 139 13.27 -8.53 -6.15
CA ILE A 139 12.54 -7.83 -5.12
C ILE A 139 13.33 -7.94 -3.80
N LEU A 140 13.72 -6.78 -3.27
CA LEU A 140 14.40 -6.70 -1.97
C LEU A 140 13.28 -6.51 -0.97
N ASP A 141 12.87 -7.59 -0.31
CA ASP A 141 11.58 -7.52 0.38
C ASP A 141 11.65 -6.64 1.61
N ARG A 142 10.53 -6.01 1.93
CA ARG A 142 10.34 -5.26 3.17
C ARG A 142 9.09 -5.78 3.83
N PRO A 143 9.00 -5.64 5.14
CA PRO A 143 7.80 -6.09 5.83
C PRO A 143 6.52 -5.41 5.40
N ASN A 144 5.41 -6.13 5.59
CA ASN A 144 4.09 -5.55 5.51
C ASN A 144 3.70 -5.18 6.93
N PRO A 145 3.53 -3.88 7.26
CA PRO A 145 3.18 -3.53 8.64
C PRO A 145 1.79 -4.01 9.04
N ASN A 146 0.97 -4.36 8.05
CA ASN A 146 -0.34 -4.98 8.23
C ASN A 146 -0.32 -6.45 7.74
N GLY A 147 0.83 -7.09 7.87
CA GLY A 147 1.02 -8.46 7.43
C GLY A 147 0.53 -9.50 8.39
N HIS A 148 0.01 -9.08 9.52
CA HIS A 148 -0.35 -9.96 10.61
C HIS A 148 -1.77 -10.49 10.48
N TYR A 149 -2.53 -10.04 9.49
CA TYR A 149 -3.89 -10.54 9.30
C TYR A 149 -4.29 -10.40 7.86
N VAL A 150 -5.44 -11.01 7.55
CA VAL A 150 -6.11 -10.96 6.26
C VAL A 150 -7.56 -10.55 6.58
N ASP A 151 -8.12 -9.58 5.83
CA ASP A 151 -9.47 -9.14 6.16
C ASP A 151 -10.12 -8.47 4.98
N GLY A 152 -11.44 -8.48 5.02
CA GLY A 152 -12.27 -7.81 4.05
C GLY A 152 -12.68 -8.72 2.89
N PRO A 153 -13.71 -8.29 2.13
CA PRO A 153 -14.12 -9.04 0.98
C PRO A 153 -13.01 -9.16 -0.06
N ILE A 154 -12.97 -10.26 -0.79
CA ILE A 154 -12.17 -10.33 -2.00
C ILE A 154 -12.79 -9.40 -3.03
N LEU A 155 -11.96 -8.66 -3.75
CA LEU A 155 -12.43 -7.74 -4.75
C LEU A 155 -13.15 -8.47 -5.88
N ASP A 156 -14.41 -8.10 -6.10
CA ASP A 156 -15.18 -8.54 -7.26
C ASP A 156 -14.59 -7.83 -8.46
N MSE A 157 -14.23 -8.58 -9.48
CA MSE A 157 -13.61 -8.07 -10.71
CA MSE A 157 -13.55 -7.92 -10.57
C MSE A 157 -14.48 -7.05 -11.46
O MSE A 157 -13.96 -6.27 -12.23
CB MSE A 157 -13.23 -9.24 -11.62
CB MSE A 157 -12.60 -8.87 -11.30
CG MSE A 157 -11.94 -9.96 -11.16
CG MSE A 157 -11.52 -9.51 -10.36
SE MSE A 157 -10.29 -8.82 -10.90
SE MSE A 157 -10.36 -8.26 -9.43
CE MSE A 157 -10.69 -7.90 -9.23
CE MSE A 157 -9.10 -8.07 -10.83
N LYS A 158 -15.79 -7.06 -11.20
N LYS A 158 -15.77 -7.05 -11.26
CA LYS A 158 -16.69 -5.98 -11.69
CA LYS A 158 -16.51 -6.01 -11.90
C LYS A 158 -16.24 -4.59 -11.25
C LYS A 158 -16.28 -4.62 -11.24
N TYR A 159 -15.50 -4.56 -10.15
CA TYR A 159 -15.06 -3.37 -9.46
C TYR A 159 -13.59 -3.16 -9.56
N LYS A 160 -12.88 -3.86 -10.45
CA LYS A 160 -11.46 -3.59 -10.63
CA LYS A 160 -11.45 -3.62 -10.65
C LYS A 160 -11.27 -2.13 -11.03
N SER A 161 -10.26 -1.46 -10.48
CA SER A 161 -10.09 -0.04 -10.74
C SER A 161 -8.69 0.43 -10.44
N GLY A 162 -8.51 1.74 -10.49
CA GLY A 162 -7.31 2.37 -10.01
C GLY A 162 -6.98 2.19 -8.56
N VAL A 163 -7.98 1.84 -7.76
CA VAL A 163 -7.77 1.61 -6.34
C VAL A 163 -7.99 0.11 -5.96
N GLY A 164 -7.88 -0.80 -6.91
CA GLY A 164 -8.05 -2.21 -6.67
C GLY A 164 -7.73 -3.06 -7.90
N GLY A 165 -6.55 -3.65 -7.92
CA GLY A 165 -6.01 -4.24 -9.13
C GLY A 165 -6.00 -5.73 -9.22
N LEU A 166 -6.30 -6.44 -8.13
CA LEU A 166 -6.18 -7.90 -8.06
C LEU A 166 -7.34 -8.45 -7.23
N PRO A 167 -7.67 -9.74 -7.42
CA PRO A 167 -8.75 -10.37 -6.64
C PRO A 167 -8.22 -10.83 -5.28
N ILE A 168 -8.02 -9.84 -4.43
CA ILE A 168 -7.44 -10.02 -3.11
C ILE A 168 -8.34 -9.32 -2.10
N PRO A 169 -8.22 -9.63 -0.81
CA PRO A 169 -8.97 -8.95 0.23
C PRO A 169 -8.48 -7.51 0.43
N ILE A 170 -9.19 -6.75 1.25
CA ILE A 170 -8.78 -5.40 1.55
C ILE A 170 -7.40 -5.40 2.19
N VAL A 171 -7.25 -6.21 3.26
CA VAL A 171 -5.98 -6.39 3.97
C VAL A 171 -5.55 -7.78 3.47
N HIS A 172 -4.53 -7.82 2.61
CA HIS A 172 -4.13 -9.06 1.97
C HIS A 172 -3.08 -9.85 2.78
N GLY A 173 -2.40 -9.16 3.71
CA GLY A 173 -1.48 -9.77 4.58
C GLY A 173 -0.13 -10.19 4.03
N MSE A 174 0.22 -9.74 2.82
CA MSE A 174 1.37 -10.25 2.12
C MSE A 174 2.42 -9.17 1.91
O MSE A 174 2.11 -8.00 1.79
CB MSE A 174 0.99 -10.80 0.75
CG MSE A 174 -0.06 -11.89 0.87
SE MSE A 174 -0.75 -12.61 -0.81
CE MSE A 174 0.68 -13.70 -1.17
N THR A 175 3.67 -9.57 1.89
CA THR A 175 4.71 -8.67 1.43
C THR A 175 4.65 -8.49 -0.10
N LEU A 176 5.31 -7.47 -0.63
CA LEU A 176 5.30 -7.31 -2.08
C LEU A 176 5.98 -8.48 -2.75
N GLY A 177 6.99 -9.11 -2.13
CA GLY A 177 7.61 -10.29 -2.70
C GLY A 177 6.64 -11.46 -2.77
N GLU A 178 5.92 -11.70 -1.69
CA GLU A 178 4.92 -12.77 -1.69
C GLU A 178 3.87 -12.52 -2.74
N LEU A 179 3.36 -11.29 -2.79
CA LEU A 179 2.34 -10.94 -3.73
C LEU A 179 2.82 -11.12 -5.16
N ALA A 180 4.07 -10.76 -5.45
CA ALA A 180 4.61 -10.95 -6.79
C ALA A 180 4.57 -12.42 -7.17
N LEU A 181 4.99 -13.28 -6.25
CA LEU A 181 4.94 -14.70 -6.52
C LEU A 181 3.53 -15.20 -6.82
N MSE A 182 2.55 -14.68 -6.08
CA MSE A 182 1.16 -15.03 -6.32
C MSE A 182 0.65 -14.52 -7.64
O MSE A 182 -0.07 -15.23 -8.34
CB MSE A 182 0.28 -14.54 -5.16
CG MSE A 182 -1.16 -14.95 -5.29
SE MSE A 182 -2.09 -14.58 -3.60
CE MSE A 182 -3.56 -15.86 -3.87
N VAL A 183 1.00 -13.30 -8.03
CA VAL A 183 0.63 -12.78 -9.33
C VAL A 183 1.12 -13.69 -10.45
N ASN A 184 2.33 -14.21 -10.33
CA ASN A 184 2.83 -15.16 -11.31
C ASN A 184 2.00 -16.42 -11.24
N GLY A 185 1.92 -17.06 -10.07
CA GLY A 185 1.35 -18.40 -9.98
C GLY A 185 -0.12 -18.48 -10.30
N GLU A 186 -0.85 -17.42 -9.99
CA GLU A 186 -2.27 -17.35 -10.25
C GLU A 186 -2.61 -16.76 -11.61
N ARG A 187 -1.59 -16.39 -12.40
CA ARG A 187 -1.74 -15.83 -13.72
C ARG A 187 -2.56 -14.56 -13.72
N TRP A 188 -2.15 -13.63 -12.88
CA TRP A 188 -2.81 -12.34 -12.78
C TRP A 188 -2.18 -11.25 -13.66
N LEU A 189 -1.09 -11.52 -14.36
CA LEU A 189 -0.61 -10.60 -15.37
C LEU A 189 -1.47 -10.64 -16.65
N PRO A 190 -1.54 -9.54 -17.41
CA PRO A 190 -2.12 -9.59 -18.80
C PRO A 190 -1.51 -10.62 -19.75
N SER A 191 -2.33 -11.19 -20.62
CA SER A 191 -1.87 -12.19 -21.60
C SER A 191 -1.21 -13.37 -20.87
N SER A 192 -1.48 -13.45 -19.57
CA SER A 192 -1.08 -14.56 -18.73
C SER A 192 0.38 -14.95 -18.86
N ARG A 193 1.22 -13.92 -18.97
CA ARG A 193 2.64 -14.11 -18.87
C ARG A 193 3.06 -14.40 -17.41
N ILE A 194 4.24 -14.97 -17.24
CA ILE A 194 4.97 -14.95 -15.98
C ILE A 194 6.29 -14.21 -16.11
N CYS A 195 6.60 -13.44 -15.08
CA CYS A 195 7.83 -12.68 -15.02
C CYS A 195 8.87 -13.44 -14.21
N ASP A 196 10.13 -13.44 -14.63
CA ASP A 196 11.22 -13.99 -13.86
C ASP A 196 11.43 -13.10 -12.63
N VAL A 197 11.16 -13.65 -11.46
CA VAL A 197 11.22 -12.94 -10.16
C VAL A 197 12.08 -13.69 -9.16
N THR A 198 13.00 -12.98 -8.57
CA THR A 198 13.75 -13.46 -7.42
C THR A 198 13.48 -12.53 -6.26
N VAL A 199 13.12 -13.10 -5.12
CA VAL A 199 12.91 -12.33 -3.89
C VAL A 199 14.07 -12.60 -2.92
N ILE A 200 14.64 -11.52 -2.37
CA ILE A 200 15.54 -11.61 -1.23
C ILE A 200 14.66 -11.36 0.00
N PRO A 201 14.30 -12.42 0.76
CA PRO A 201 13.37 -12.26 1.87
CA PRO A 201 13.36 -12.23 1.84
C PRO A 201 13.99 -11.54 3.04
N CYS A 202 13.15 -10.91 3.84
CA CYS A 202 13.60 -10.41 5.11
C CYS A 202 14.04 -11.55 6.02
N LYS A 203 14.96 -11.24 6.93
CA LYS A 203 15.29 -12.16 8.03
C LYS A 203 14.66 -11.65 9.31
N ASN A 204 14.43 -12.57 10.24
CA ASN A 204 13.81 -12.28 11.53
C ASN A 204 12.44 -11.66 11.35
N TYR A 205 11.68 -12.27 10.45
CA TYR A 205 10.34 -11.76 10.09
C TYR A 205 9.36 -12.90 9.89
N THR A 206 8.22 -12.80 10.60
CA THR A 206 7.10 -13.70 10.42
C THR A 206 5.87 -12.84 10.16
N HIS A 207 4.77 -13.50 9.82
N HIS A 207 4.79 -13.48 9.77
CA HIS A 207 3.45 -12.83 9.74
CA HIS A 207 3.56 -12.75 9.65
C HIS A 207 2.76 -12.56 11.09
C HIS A 207 3.12 -12.12 10.98
N GLN A 208 3.55 -12.64 12.15
CA GLN A 208 3.19 -11.97 13.42
C GLN A 208 4.05 -10.81 13.81
N THR A 209 5.18 -10.61 13.11
CA THR A 209 6.06 -9.53 13.46
C THR A 209 5.34 -8.21 13.18
N MSE A 210 5.44 -7.25 14.09
CA MSE A 210 4.85 -5.94 13.98
C MSE A 210 5.92 -4.92 13.67
O MSE A 210 6.35 -4.16 14.55
CB MSE A 210 4.09 -5.57 15.26
CG MSE A 210 3.08 -6.65 15.66
SE MSE A 210 1.77 -7.14 14.31
CE MSE A 210 0.91 -5.41 14.12
N TYR A 211 6.38 -4.91 12.43
CA TYR A 211 7.39 -3.99 11.99
C TYR A 211 6.86 -2.59 11.94
N ARG A 212 7.67 -1.64 12.42
CA ARG A 212 7.33 -0.22 12.43
CA ARG A 212 7.27 -0.26 12.40
C ARG A 212 8.16 0.51 11.40
N LEU A 213 7.53 1.34 10.62
CA LEU A 213 8.16 1.96 9.47
C LEU A 213 8.99 3.16 9.95
N PRO A 214 10.28 3.19 9.59
CA PRO A 214 11.10 4.34 10.01
C PRO A 214 10.78 5.62 9.28
N ILE A 215 10.28 5.50 8.04
CA ILE A 215 10.09 6.62 7.11
C ILE A 215 8.58 6.60 6.69
N PRO A 216 7.89 7.75 6.76
CA PRO A 216 6.47 7.72 6.38
C PRO A 216 6.28 7.34 4.93
N PRO A 217 5.39 6.37 4.68
CA PRO A 217 5.28 5.91 3.31
C PRO A 217 4.53 6.84 2.38
N SER A 218 3.62 7.64 2.97
CA SER A 218 2.88 8.70 2.32
C SER A 218 2.77 9.82 3.35
N PRO A 219 2.59 11.08 2.92
CA PRO A 219 2.65 12.17 3.92
C PRO A 219 1.58 12.03 5.04
N ASN A 220 0.38 11.59 4.65
CA ASN A 220 -0.75 11.50 5.58
C ASN A 220 -0.86 10.15 6.28
N LEU A 221 0.20 9.35 6.21
CA LEU A 221 0.38 8.16 7.06
C LEU A 221 1.60 8.38 7.92
N PRO A 222 1.51 9.33 8.86
CA PRO A 222 2.73 9.82 9.49
C PRO A 222 3.23 8.92 10.56
N ASN A 223 2.39 8.06 11.11
CA ASN A 223 2.73 7.24 12.27
C ASN A 223 2.09 5.84 12.16
N MSE A 224 2.42 4.97 13.11
CA MSE A 224 1.90 3.64 13.07
C MSE A 224 0.42 3.57 13.41
O MSE A 224 -0.29 2.70 12.90
CB MSE A 224 2.72 2.67 13.91
CG MSE A 224 4.16 2.49 13.38
SE MSE A 224 4.21 1.92 11.55
CE MSE A 224 3.30 0.23 11.75
N LYS A 225 -0.09 4.48 14.21
CA LYS A 225 -1.47 4.52 14.53
C LYS A 225 -2.30 4.71 13.24
N ALA A 226 -1.87 5.65 12.41
CA ALA A 226 -2.55 5.92 11.14
C ALA A 226 -2.50 4.66 10.28
N ILE A 227 -1.34 3.99 10.22
CA ILE A 227 -1.15 2.78 9.37
C ILE A 227 -2.05 1.67 9.85
N TYR A 228 -2.18 1.50 11.16
CA TYR A 228 -3.05 0.47 11.67
C TYR A 228 -4.53 0.74 11.52
N LEU A 229 -4.91 2.01 11.61
CA LEU A 229 -6.30 2.44 11.40
C LEU A 229 -6.72 2.56 9.94
N TYR A 230 -5.73 2.70 9.04
CA TYR A 230 -5.95 2.92 7.64
C TYR A 230 -6.97 1.94 7.02
N PRO A 231 -6.88 0.64 7.30
CA PRO A 231 -7.86 -0.25 6.68
C PRO A 231 -9.31 0.09 6.96
N SER A 232 -9.56 0.57 8.17
CA SER A 232 -10.92 0.92 8.62
C SER A 232 -11.28 2.35 8.19
N ILE A 233 -10.38 3.26 8.38
CA ILE A 233 -10.67 4.69 8.21
C ILE A 233 -10.62 5.15 6.76
N CYS A 234 -9.81 4.52 5.92
CA CYS A 234 -9.74 4.91 4.51
C CYS A 234 -11.06 4.63 3.79
N LEU A 235 -11.93 3.77 4.35
CA LEU A 235 -13.26 3.61 3.78
C LEU A 235 -14.03 4.91 3.69
N PHE A 236 -13.72 5.84 4.58
CA PHE A 236 -14.36 7.15 4.51
C PHE A 236 -14.06 7.94 3.24
N GLU A 237 -13.06 7.54 2.49
CA GLU A 237 -12.81 8.20 1.20
C GLU A 237 -13.94 7.90 0.22
N GLY A 238 -14.78 6.90 0.50
CA GLY A 238 -16.00 6.63 -0.24
C GLY A 238 -17.21 7.34 0.30
N THR A 239 -17.03 8.41 1.07
CA THR A 239 -18.07 9.15 1.74
C THR A 239 -17.64 10.60 1.78
N PRO A 240 -18.50 11.52 2.27
CA PRO A 240 -18.07 12.92 2.47
C PRO A 240 -17.36 13.22 3.79
N VAL A 241 -17.17 12.21 4.62
CA VAL A 241 -16.63 12.38 5.97
C VAL A 241 -15.13 12.66 5.87
N SER A 242 -14.64 13.64 6.63
CA SER A 242 -13.21 13.87 6.73
C SER A 242 -12.58 12.80 7.64
N LEU A 243 -11.38 12.35 7.24
CA LEU A 243 -10.61 11.44 8.04
C LEU A 243 -9.34 12.13 8.57
N GLY A 244 -9.35 13.47 8.57
CA GLY A 244 -8.27 14.22 9.20
C GLY A 244 -7.17 14.71 8.32
N ARG A 245 -7.27 14.52 7.01
CA ARG A 245 -6.30 15.25 6.14
C ARG A 245 -6.47 16.74 6.42
N GLY A 246 -5.35 17.44 6.57
CA GLY A 246 -5.36 18.85 6.94
C GLY A 246 -5.28 19.11 8.45
N THR A 247 -5.05 18.03 9.23
CA THR A 247 -4.96 18.12 10.66
C THR A 247 -3.64 17.45 11.11
N THR A 248 -3.38 17.51 12.42
CA THR A 248 -2.29 16.76 13.01
C THR A 248 -2.54 15.27 13.15
N LEU A 249 -3.74 14.80 12.85
CA LEU A 249 -4.15 13.42 13.11
C LEU A 249 -4.78 12.73 11.90
N PRO A 250 -4.12 12.80 10.73
CA PRO A 250 -4.71 12.13 9.57
C PRO A 250 -4.84 10.65 9.78
N PHE A 251 -5.98 10.12 9.33
CA PHE A 251 -6.33 8.71 9.47
C PHE A 251 -6.52 8.26 10.90
N GLN A 252 -6.64 9.20 11.83
CA GLN A 252 -6.77 8.88 13.25
C GLN A 252 -7.98 9.54 13.89
N VAL A 253 -8.80 10.20 13.06
CA VAL A 253 -10.05 10.87 13.45
C VAL A 253 -11.06 10.69 12.34
N TYR A 254 -12.32 10.95 12.65
CA TYR A 254 -13.30 11.13 11.58
C TYR A 254 -14.33 12.15 12.00
N GLY A 255 -14.84 12.92 11.06
CA GLY A 255 -15.86 13.90 11.41
C GLY A 255 -16.35 14.66 10.20
N HIS A 256 -17.36 15.51 10.41
CA HIS A 256 -18.02 16.19 9.32
C HIS A 256 -18.75 17.40 9.89
N PRO A 257 -18.86 18.48 9.11
CA PRO A 257 -19.56 19.67 9.67
C PRO A 257 -21.01 19.47 10.10
N ASN A 258 -21.66 18.46 9.52
N ASN A 258 -21.68 18.47 9.55
CA ASN A 258 -23.07 18.19 9.76
CA ASN A 258 -23.09 18.24 9.85
C ASN A 258 -23.27 17.15 10.88
C ASN A 258 -23.29 17.04 10.78
N MSE A 259 -22.20 16.46 11.31
CA MSE A 259 -22.31 15.46 12.35
C MSE A 259 -22.61 16.14 13.65
O MSE A 259 -22.16 17.27 13.93
CB MSE A 259 -21.05 14.60 12.40
CG MSE A 259 -21.13 13.44 11.39
SE MSE A 259 -19.52 12.42 11.10
CE MSE A 259 -19.24 11.81 12.85
N THR A 260 -23.39 15.46 14.48
CA THR A 260 -24.09 16.17 15.55
C THR A 260 -24.07 15.32 16.79
N GLY A 261 -23.74 15.94 17.91
CA GLY A 261 -23.68 15.21 19.17
C GLY A 261 -22.35 14.66 19.65
N TYR A 262 -21.28 15.21 19.10
CA TYR A 262 -19.93 14.71 19.35
C TYR A 262 -19.09 15.65 20.24
N ASN A 263 -18.18 14.98 21.00
N ASN A 263 -18.21 15.16 21.10
CA ASN A 263 -17.24 15.47 22.04
CA ASN A 263 -17.40 16.07 21.89
C ASN A 263 -15.80 15.74 21.53
C ASN A 263 -16.18 16.61 21.13
N TYR A 264 -15.65 15.81 20.23
CA TYR A 264 -14.42 16.18 19.55
C TYR A 264 -14.74 16.94 18.28
N ASN A 265 -13.88 17.88 17.93
CA ASN A 265 -13.98 18.58 16.68
C ASN A 265 -12.61 18.95 16.19
N PHE A 266 -12.52 19.20 14.89
CA PHE A 266 -11.30 19.58 14.20
C PHE A 266 -11.64 20.36 12.98
N THR A 267 -10.68 21.12 12.47
CA THR A 267 -10.87 21.86 11.26
C THR A 267 -9.71 21.60 10.31
N PRO A 268 -9.98 20.87 9.22
CA PRO A 268 -8.94 20.70 8.22
C PRO A 268 -8.41 22.05 7.69
N ARG A 269 -7.09 22.18 7.53
CA ARG A 269 -6.43 23.35 7.02
C ARG A 269 -5.65 23.02 5.76
N SER A 270 -5.35 24.05 4.98
CA SER A 270 -4.64 23.86 3.73
C SER A 270 -3.15 23.86 4.00
N ILE A 271 -2.55 22.68 4.00
CA ILE A 271 -1.18 22.46 4.42
C ILE A 271 -0.48 21.66 3.36
N PRO A 272 0.86 21.68 3.32
CA PRO A 272 1.55 20.95 2.23
C PRO A 272 1.24 19.46 2.29
N GLY A 273 0.89 18.89 1.15
CA GLY A 273 0.44 17.51 1.04
C GLY A 273 -1.00 17.23 1.45
N ALA A 274 -1.69 18.30 1.85
CA ALA A 274 -3.14 18.27 2.09
C ALA A 274 -3.67 19.70 1.79
N LYS A 275 -3.43 20.17 0.57
CA LYS A 275 -3.72 21.56 0.18
CA LYS A 275 -3.73 21.56 0.21
C LYS A 275 -5.20 21.86 0.00
N ASN A 276 -5.93 20.91 -0.55
CA ASN A 276 -7.32 21.16 -0.86
CA ASN A 276 -7.35 21.15 -0.78
C ASN A 276 -8.08 19.97 -0.22
N PRO A 277 -7.96 19.75 1.14
CA PRO A 277 -8.48 18.59 1.79
C PRO A 277 -10.02 18.62 1.91
N PRO A 278 -10.62 17.45 2.10
CA PRO A 278 -12.03 17.38 2.39
C PRO A 278 -12.40 18.29 3.56
N GLN A 279 -13.48 19.06 3.41
CA GLN A 279 -13.97 19.89 4.47
C GLN A 279 -12.98 20.99 4.90
N LEU A 280 -12.16 21.43 3.95
CA LEU A 280 -11.20 22.49 4.16
C LEU A 280 -11.84 23.66 4.85
N ASN A 281 -11.27 24.10 5.97
CA ASN A 281 -11.68 25.25 6.73
C ASN A 281 -13.08 25.18 7.34
N LYS A 282 -13.63 23.97 7.41
CA LYS A 282 -14.90 23.68 8.10
C LYS A 282 -14.68 23.02 9.42
N LEU A 283 -15.47 23.40 10.41
CA LEU A 283 -15.46 22.78 11.70
C LEU A 283 -16.16 21.45 11.55
N CYS A 284 -15.41 20.37 11.74
CA CYS A 284 -15.89 19.00 11.68
C CYS A 284 -16.09 18.44 13.06
N HIS A 285 -17.21 17.82 13.29
CA HIS A 285 -17.55 17.20 14.55
C HIS A 285 -17.41 15.69 14.39
N GLY A 286 -16.84 15.02 15.39
CA GLY A 286 -16.65 13.61 15.28
C GLY A 286 -15.91 12.96 16.41
N VAL A 287 -14.97 12.07 16.06
CA VAL A 287 -14.35 11.14 16.98
C VAL A 287 -12.86 11.14 16.82
N ASN A 288 -12.14 11.20 17.95
CA ASN A 288 -10.68 11.12 17.96
C ASN A 288 -10.28 9.69 18.35
N LEU A 289 -9.63 8.99 17.44
CA LEU A 289 -9.21 7.60 17.62
C LEU A 289 -7.74 7.51 17.92
N SER A 290 -7.06 8.65 18.08
CA SER A 290 -5.60 8.65 18.13
C SER A 290 -5.03 8.07 19.41
N ASN A 291 -5.88 7.92 20.43
CA ASN A 291 -5.43 7.37 21.72
C ASN A 291 -5.81 5.90 21.92
N LEU A 292 -6.41 5.25 20.92
CA LEU A 292 -6.59 3.80 20.95
C LEU A 292 -5.19 3.18 21.04
N SER A 293 -5.07 2.13 21.84
CA SER A 293 -3.84 1.39 21.81
C SER A 293 -3.66 0.64 20.52
N ASP A 294 -2.40 0.46 20.14
CA ASP A 294 -2.11 -0.43 18.99
C ASP A 294 -2.81 -1.78 19.18
N GLU A 295 -2.74 -2.40 20.38
N GLU A 295 -2.76 -2.35 20.37
CA GLU A 295 -3.39 -3.71 20.64
CA GLU A 295 -3.28 -3.67 20.56
C GLU A 295 -4.87 -3.78 20.39
C GLU A 295 -4.84 -3.79 20.46
N GLU A 296 -5.59 -2.76 20.81
CA GLU A 296 -7.04 -2.80 20.59
C GLU A 296 -7.40 -2.59 19.09
N ILE A 297 -6.56 -1.87 18.36
CA ILE A 297 -6.76 -1.73 16.88
C ILE A 297 -6.53 -3.14 16.28
N TRP A 298 -5.45 -3.82 16.68
CA TRP A 298 -5.13 -5.17 16.12
C TRP A 298 -6.24 -6.15 16.41
N LYS A 299 -6.86 -6.05 17.59
CA LYS A 299 -7.89 -6.97 17.92
C LYS A 299 -9.06 -6.92 16.94
N LYS A 300 -9.41 -5.72 16.46
CA LYS A 300 -10.62 -5.56 15.68
C LYS A 300 -10.42 -5.62 14.18
N GLY A 301 -9.19 -5.47 13.67
CA GLY A 301 -9.02 -5.53 12.21
C GLY A 301 -9.89 -4.50 11.53
N ILE A 302 -10.43 -4.82 10.36
CA ILE A 302 -11.34 -3.87 9.71
C ILE A 302 -12.57 -3.71 10.61
N ASN A 303 -12.80 -2.49 11.03
CA ASN A 303 -13.83 -2.16 11.98
C ASN A 303 -14.82 -1.21 11.32
N LEU A 304 -16.01 -1.72 10.98
CA LEU A 304 -17.07 -0.93 10.36
C LEU A 304 -17.83 -0.05 11.31
N ASP A 305 -17.51 -0.09 12.60
CA ASP A 305 -18.21 0.75 13.57
C ASP A 305 -18.22 2.21 13.17
N TYR A 306 -17.07 2.70 12.67
CA TYR A 306 -16.93 4.10 12.43
C TYR A 306 -17.82 4.53 11.25
N LEU A 307 -17.76 3.79 10.16
CA LEU A 307 -18.55 4.05 9.02
CA LEU A 307 -18.63 4.05 8.99
C LEU A 307 -20.08 4.04 9.34
N ILE A 308 -20.47 3.03 10.12
CA ILE A 308 -21.87 2.87 10.48
C ILE A 308 -22.31 4.01 11.37
N ASP A 309 -21.46 4.40 12.30
CA ASP A 309 -21.75 5.54 13.16
C ASP A 309 -22.03 6.81 12.36
N ALA A 310 -21.10 7.13 11.47
CA ALA A 310 -21.28 8.32 10.68
C ALA A 310 -22.50 8.27 9.79
N TYR A 311 -22.76 7.11 9.17
CA TYR A 311 -23.91 6.95 8.30
C TYR A 311 -25.20 7.26 9.04
N HIS A 312 -25.40 6.66 10.19
CA HIS A 312 -26.62 6.89 10.92
C HIS A 312 -26.70 8.26 11.53
N ASN A 313 -25.57 8.87 11.87
CA ASN A 313 -25.61 10.20 12.44
C ASN A 313 -25.98 11.23 11.41
N LEU A 314 -25.44 11.11 10.19
CA LEU A 314 -25.63 12.15 9.21
C LEU A 314 -27.03 12.23 8.63
N ASN A 315 -27.74 11.10 8.58
CA ASN A 315 -29.15 11.11 8.09
C ASN A 315 -29.28 11.60 6.69
N MSE A 316 -28.33 11.26 5.82
CA MSE A 316 -28.47 11.64 4.40
C MSE A 316 -28.67 10.45 3.49
O MSE A 316 -28.53 10.54 2.23
CB MSE A 316 -27.29 12.52 3.98
CG MSE A 316 -26.01 11.82 3.92
SE MSE A 316 -24.50 12.86 3.12
CE MSE A 316 -24.26 14.10 4.55
N GLY A 317 -29.03 9.33 4.10
CA GLY A 317 -29.32 8.12 3.39
C GLY A 317 -28.21 7.73 2.43
N ASP A 318 -28.60 7.21 1.27
CA ASP A 318 -27.68 6.62 0.30
C ASP A 318 -26.67 7.61 -0.26
N ARG A 319 -26.95 8.91 -0.16
CA ARG A 319 -26.00 9.94 -0.60
C ARG A 319 -24.73 9.99 0.22
N PHE A 320 -24.76 9.37 1.40
CA PHE A 320 -23.55 9.19 2.21
C PHE A 320 -22.45 8.42 1.48
N PHE A 321 -22.85 7.47 0.66
CA PHE A 321 -21.90 6.59 -0.04
C PHE A 321 -21.68 7.13 -1.43
N ARG A 322 -20.47 7.55 -1.72
CA ARG A 322 -20.08 7.97 -3.07
CA ARG A 322 -20.19 7.98 -3.06
C ARG A 322 -20.30 6.79 -4.01
N PRO A 323 -20.50 7.04 -5.33
CA PRO A 323 -20.63 5.93 -6.26
C PRO A 323 -19.50 4.90 -6.14
N PHE A 324 -18.30 5.41 -5.93
CA PHE A 324 -17.11 4.59 -5.92
C PHE A 324 -16.78 3.96 -4.59
N PHE A 325 -17.69 4.06 -3.59
CA PHE A 325 -17.51 3.29 -2.38
C PHE A 325 -17.21 1.81 -2.71
N GLU A 326 -17.93 1.25 -3.67
CA GLU A 326 -17.77 -0.14 -4.04
C GLU A 326 -16.39 -0.47 -4.58
N LEU A 327 -15.75 0.52 -5.23
CA LEU A 327 -14.40 0.31 -5.71
C LEU A 327 -13.39 0.12 -4.59
N LEU A 328 -13.66 0.75 -3.44
CA LEU A 328 -12.84 0.62 -2.24
C LEU A 328 -13.15 -0.67 -1.48
N VAL A 329 -14.44 -0.91 -1.22
CA VAL A 329 -14.80 -2.08 -0.39
CA VAL A 329 -14.79 -2.04 -0.37
C VAL A 329 -14.78 -3.37 -1.15
N GLY A 330 -15.12 -3.32 -2.44
CA GLY A 330 -14.96 -4.47 -3.34
C GLY A 330 -16.15 -5.36 -3.56
N THR A 331 -17.28 -5.00 -2.96
CA THR A 331 -18.53 -5.77 -3.08
C THR A 331 -19.69 -4.81 -2.83
N ASP A 332 -20.85 -5.18 -3.32
CA ASP A 332 -22.04 -4.38 -3.20
C ASP A 332 -22.81 -4.53 -1.90
N TYR A 333 -22.50 -5.56 -1.10
CA TYR A 333 -23.40 -5.82 0.04
C TYR A 333 -23.11 -4.94 1.23
N VAL A 334 -21.93 -4.32 1.33
CA VAL A 334 -21.63 -3.50 2.49
C VAL A 334 -22.55 -2.27 2.56
N ARG A 335 -22.69 -1.54 1.44
CA ARG A 335 -23.63 -0.44 1.43
C ARG A 335 -25.04 -0.91 1.75
N LYS A 336 -25.46 -1.99 1.11
CA LYS A 336 -26.84 -2.44 1.26
C LYS A 336 -27.14 -2.84 2.71
N MSE A 337 -26.22 -3.55 3.32
CA MSE A 337 -26.40 -4.00 4.72
C MSE A 337 -26.36 -2.86 5.71
O MSE A 337 -27.14 -2.83 6.65
CB MSE A 337 -25.40 -5.07 5.06
CG MSE A 337 -25.62 -6.39 4.33
SE MSE A 337 -24.35 -7.75 4.75
CE MSE A 337 -25.02 -8.31 6.49
N ILE A 338 -25.48 -1.88 5.47
CA ILE A 338 -25.48 -0.70 6.35
C ILE A 338 -26.84 -0.01 6.27
N GLU A 339 -27.30 0.22 5.05
CA GLU A 339 -28.55 0.93 4.85
C GLU A 339 -29.73 0.13 5.38
N GLY A 340 -29.59 -1.19 5.39
CA GLY A 340 -30.58 -2.09 5.93
C GLY A 340 -30.59 -2.20 7.43
N GLY A 341 -29.69 -1.51 8.12
CA GLY A 341 -29.64 -1.53 9.57
C GLY A 341 -28.87 -2.63 10.19
N LYS A 342 -28.07 -3.34 9.40
CA LYS A 342 -27.26 -4.43 9.95
C LYS A 342 -26.07 -3.92 10.76
N SER A 343 -25.58 -4.77 11.65
CA SER A 343 -24.48 -4.45 12.53
C SER A 343 -23.12 -4.62 11.88
N ALA A 344 -22.12 -3.96 12.45
CA ALA A 344 -20.76 -4.12 12.00
C ALA A 344 -20.34 -5.58 12.01
N ASP A 345 -20.68 -6.27 13.08
CA ASP A 345 -20.27 -7.69 13.23
C ASP A 345 -20.94 -8.57 12.17
N GLU A 346 -22.22 -8.32 11.89
CA GLU A 346 -22.96 -9.08 10.90
CA GLU A 346 -22.90 -9.16 10.92
C GLU A 346 -22.33 -8.93 9.52
N ILE A 347 -22.01 -7.70 9.17
CA ILE A 347 -21.45 -7.42 7.86
C ILE A 347 -20.06 -8.05 7.74
N LYS A 348 -19.23 -7.86 8.76
CA LYS A 348 -17.87 -8.40 8.74
C LYS A 348 -17.90 -9.94 8.66
N ALA A 349 -18.84 -10.59 9.36
CA ALA A 349 -18.95 -12.02 9.32
C ALA A 349 -19.21 -12.52 7.90
N ARG A 350 -19.87 -11.72 7.06
CA ARG A 350 -20.22 -12.15 5.72
C ARG A 350 -18.97 -12.42 4.84
N TRP A 351 -17.85 -11.75 5.14
CA TRP A 351 -16.63 -11.96 4.39
C TRP A 351 -15.68 -12.97 5.02
N LYS A 352 -16.05 -13.59 6.15
CA LYS A 352 -15.13 -14.51 6.81
C LYS A 352 -14.69 -15.64 5.92
N ARG A 353 -15.63 -16.21 5.19
N ARG A 353 -15.62 -16.24 5.20
CA ARG A 353 -15.33 -17.29 4.28
CA ARG A 353 -15.26 -17.38 4.39
C ARG A 353 -14.36 -16.88 3.18
C ARG A 353 -14.43 -16.93 3.10
N ASP A 354 -14.58 -15.70 2.61
CA ASP A 354 -13.67 -15.15 1.57
C ASP A 354 -12.23 -15.14 2.16
N VAL A 355 -12.12 -14.63 3.39
CA VAL A 355 -10.81 -14.54 4.01
C VAL A 355 -10.20 -15.93 4.22
N GLU A 356 -11.01 -16.89 4.71
N GLU A 356 -10.97 -16.88 4.71
CA GLU A 356 -10.55 -18.28 4.89
CA GLU A 356 -10.34 -18.17 4.97
C GLU A 356 -9.98 -18.82 3.60
C GLU A 356 -10.00 -18.88 3.63
N ARG A 357 -10.76 -18.67 2.54
CA ARG A 357 -10.36 -19.17 1.24
C ARG A 357 -9.12 -18.48 0.71
N PHE A 358 -9.02 -17.18 0.93
CA PHE A 358 -7.80 -16.50 0.46
C PHE A 358 -6.56 -16.96 1.21
N LYS A 359 -6.70 -17.24 2.51
CA LYS A 359 -5.57 -17.72 3.30
C LYS A 359 -5.05 -19.04 2.75
N ILE A 360 -5.95 -19.88 2.25
CA ILE A 360 -5.56 -21.13 1.57
CA ILE A 360 -5.54 -21.13 1.62
C ILE A 360 -4.92 -20.86 0.24
N GLN A 361 -5.52 -19.98 -0.53
CA GLN A 361 -5.06 -19.69 -1.87
C GLN A 361 -3.66 -19.10 -1.85
N ARG A 362 -3.37 -18.24 -0.87
CA ARG A 362 -2.08 -17.54 -0.85
C ARG A 362 -0.96 -18.38 -0.30
N LYS A 363 -1.29 -19.47 0.41
CA LYS A 363 -0.28 -20.20 1.17
C LYS A 363 0.96 -20.61 0.37
N PRO A 364 0.82 -21.09 -0.87
CA PRO A 364 2.04 -21.49 -1.60
C PRO A 364 3.01 -20.38 -1.93
N TYR A 365 2.58 -19.13 -1.77
CA TYR A 365 3.36 -17.97 -2.14
C TYR A 365 3.97 -17.27 -0.94
N LEU A 366 3.68 -17.74 0.28
CA LEU A 366 4.23 -17.10 1.45
C LEU A 366 5.70 -17.42 1.57
N LEU A 367 6.46 -16.46 2.03
CA LEU A 367 7.89 -16.56 2.23
C LEU A 367 8.29 -16.58 3.70
N TYR A 368 7.30 -16.38 4.57
CA TYR A 368 7.52 -16.26 5.99
C TYR A 368 6.46 -17.05 6.70
N GLN A 369 6.75 -17.39 7.95
CA GLN A 369 5.80 -18.11 8.77
C GLN A 369 4.45 -17.45 8.77
N ASP A 370 3.41 -18.25 8.52
CA ASP A 370 2.07 -17.76 8.45
C ASP A 370 1.56 -17.40 9.84
N ASN A 371 0.44 -16.70 9.85
CA ASN A 371 -0.21 -16.44 11.12
C ASN A 371 -1.58 -17.00 11.10
C1 GOL B . 11.39 -17.43 -5.65
O1 GOL B . 11.77 -17.12 -6.98
C2 GOL B . 12.46 -17.04 -4.62
O2 GOL B . 13.23 -15.97 -5.06
C3 GOL B . 11.79 -16.71 -3.28
O3 GOL B . 12.63 -16.05 -2.32
C1 GOL C . -2.46 7.83 2.25
O1 GOL C . -1.60 8.89 2.68
C2 GOL C . -2.53 7.93 0.74
O2 GOL C . -3.16 9.17 0.35
C3 GOL C . -3.32 6.75 0.18
O3 GOL C . -4.65 6.59 0.74
C1 GOL D . 0.96 6.69 -2.22
O1 GOL D . 1.13 7.92 -1.55
C2 GOL D . -0.51 6.34 -2.45
O2 GOL D . -1.02 7.10 -3.52
C3 GOL D . -0.57 4.89 -2.91
O3 GOL D . -1.87 4.44 -3.22
C1 GOL E . -7.24 -11.42 -12.44
O1 GOL E . -8.63 -11.55 -12.61
C2 GOL E . -6.65 -10.28 -13.27
O2 GOL E . -7.61 -9.39 -13.85
C3 GOL E . -5.75 -9.43 -12.38
O3 GOL E . -4.89 -8.69 -13.20
C1 GOL F . -7.98 5.58 -1.58
O1 GOL F . -9.10 6.43 -1.66
C2 GOL F . -6.76 6.40 -1.93
O2 GOL F . -6.45 7.38 -0.93
C3 GOL F . -5.62 5.38 -2.09
O3 GOL F . -5.30 5.23 -3.43
CL CL G . -0.84 11.48 1.50
#